data_2GWM
#
_entry.id   2GWM
#
_cell.length_a   55.585
_cell.length_b   55.585
_cell.length_c   143.577
_cell.angle_alpha   90.00
_cell.angle_beta   90.00
_cell.angle_gamma   120.00
#
_symmetry.space_group_name_H-M   'P 32 2 1'
#
loop_
_entity.id
_entity.type
_entity.pdbx_description
1 polymer '65 kDa virulence protein'
2 non-polymer 'SULFATE ION'
3 water water
#
_entity_poly.entity_id   1
_entity_poly.type   'polypeptide(L)'
_entity_poly.pdbx_seq_one_letter_code
;ESKQIQALRYYSAQGYSVINKYLRGDDYPETQAKETLLSRDYLSTNEPSDEEFKNAMSVYINDIAEGLSSLPETDHRVVY
RGLKLDKPALSDVLKEYTTIGNIIIDKAFMSTSPDKAWINDTILNIYLEKGHKGRILGDVAHFKGEAEMLFPPNTKLKIE
SIVNCGSQDFASQLSKLRLSDDATADTNRIKRIINMRVLN
;
_entity_poly.pdbx_strand_id   A
#
loop_
_chem_comp.id
_chem_comp.type
_chem_comp.name
_chem_comp.formula
SO4 non-polymer 'SULFATE ION' 'O4 S -2'
#
# COMPACT_ATOMS: atom_id res chain seq x y z
N GLU A 1 -14.81 -17.79 -10.04
CA GLU A 1 -13.80 -16.80 -9.57
C GLU A 1 -12.46 -17.06 -10.22
N SER A 2 -11.93 -16.06 -10.90
CA SER A 2 -10.69 -16.24 -11.63
C SER A 2 -9.62 -16.68 -10.67
N LYS A 3 -8.62 -17.39 -11.20
CA LYS A 3 -7.48 -17.77 -10.38
C LYS A 3 -6.70 -16.49 -9.98
N GLN A 4 -6.82 -15.44 -10.78
CA GLN A 4 -6.14 -14.19 -10.43
C GLN A 4 -6.78 -13.51 -9.22
N ILE A 5 -8.09 -13.50 -9.19
CA ILE A 5 -8.80 -13.03 -7.98
C ILE A 5 -8.46 -13.87 -6.80
N GLN A 6 -8.38 -15.19 -6.99
CA GLN A 6 -8.02 -16.03 -5.86
C GLN A 6 -6.61 -15.72 -5.34
N ALA A 7 -5.70 -15.42 -6.25
CA ALA A 7 -4.36 -15.00 -5.83
C ALA A 7 -4.39 -13.69 -5.05
N LEU A 8 -5.23 -12.73 -5.50
CA LEU A 8 -5.42 -11.49 -4.76
C LEU A 8 -6.00 -11.71 -3.39
N ARG A 9 -6.95 -12.62 -3.27
CA ARG A 9 -7.46 -12.98 -1.94
C ARG A 9 -6.33 -13.47 -1.04
N TYR A 10 -5.46 -14.31 -1.57
CA TYR A 10 -4.34 -14.82 -0.79
C TYR A 10 -3.37 -13.72 -0.40
N TYR A 11 -3.05 -12.82 -1.33
CA TYR A 11 -2.28 -11.61 -1.07
C TYR A 11 -2.86 -10.90 0.17
N SER A 12 -4.15 -10.63 0.11
CA SER A 12 -4.82 -9.89 1.20
C SER A 12 -4.69 -10.62 2.55
N ALA A 13 -4.88 -11.93 2.53
CA ALA A 13 -4.83 -12.72 3.74
C ALA A 13 -3.44 -12.83 4.33
N GLN A 14 -2.46 -13.08 3.47
CA GLN A 14 -1.13 -13.39 3.94
C GLN A 14 0.02 -13.09 2.99
N GLY A 15 -0.21 -13.08 1.68
CA GLY A 15 0.90 -12.97 0.80
C GLY A 15 1.54 -11.62 0.88
N TYR A 16 0.77 -10.62 1.31
CA TYR A 16 1.31 -9.25 1.41
C TYR A 16 2.56 -9.20 2.26
N SER A 17 2.63 -10.11 3.23
CA SER A 17 3.63 -10.12 4.32
C SER A 17 4.99 -10.52 3.73
N VAL A 18 4.99 -11.09 2.53
CA VAL A 18 6.20 -11.52 1.87
C VAL A 18 6.49 -10.68 0.60
N ILE A 19 5.46 -10.48 -0.21
CA ILE A 19 5.60 -9.89 -1.52
C ILE A 19 6.11 -8.45 -1.55
N ASN A 20 5.64 -7.64 -0.62
CA ASN A 20 6.00 -6.23 -0.68
C ASN A 20 7.44 -6.00 -0.30
N LYS A 21 7.93 -6.74 0.70
CA LYS A 21 9.37 -6.70 0.98
C LYS A 21 10.18 -7.17 -0.21
N TYR A 22 9.74 -8.24 -0.85
CA TYR A 22 10.40 -8.75 -2.07
C TYR A 22 10.50 -7.68 -3.16
N LEU A 23 9.36 -7.04 -3.41
CA LEU A 23 9.27 -6.04 -4.48
C LEU A 23 10.12 -4.85 -4.14
N ARG A 24 10.21 -4.50 -2.88
CA ARG A 24 11.04 -3.31 -2.52
C ARG A 24 12.53 -3.54 -2.60
N GLY A 25 12.92 -4.80 -2.82
CA GLY A 25 14.32 -5.18 -2.80
C GLY A 25 14.87 -5.27 -1.39
N ASP A 26 13.94 -5.35 -0.42
CA ASP A 26 14.29 -5.51 0.97
C ASP A 26 14.52 -6.97 1.31
N ASP A 27 15.11 -7.22 2.46
CA ASP A 27 15.10 -8.55 3.02
C ASP A 27 13.64 -9.02 3.17
N TYR A 28 13.40 -10.27 2.77
CA TYR A 28 12.05 -10.82 2.82
C TYR A 28 12.12 -12.28 3.27
N PRO A 29 10.96 -12.86 3.65
CA PRO A 29 10.95 -14.22 4.09
C PRO A 29 11.08 -15.22 2.93
N GLU A 30 12.31 -15.63 2.64
CA GLU A 30 12.60 -16.47 1.48
C GLU A 30 11.98 -17.85 1.57
N THR A 31 12.06 -18.45 2.73
CA THR A 31 11.51 -19.79 2.94
C THR A 31 10.01 -19.71 2.72
N GLN A 32 9.36 -18.70 3.31
CA GLN A 32 7.93 -18.59 3.12
C GLN A 32 7.51 -18.30 1.69
N ALA A 33 8.28 -17.50 0.98
CA ALA A 33 8.03 -17.22 -0.43
C ALA A 33 8.01 -18.54 -1.19
N LYS A 34 8.99 -19.39 -0.91
CA LYS A 34 9.13 -20.64 -1.66
C LYS A 34 8.00 -21.59 -1.26
N GLU A 35 7.62 -21.57 0.02
CA GLU A 35 6.56 -22.42 0.46
C GLU A 35 5.23 -22.04 -0.21
N THR A 36 5.00 -20.74 -0.35
CA THR A 36 3.85 -20.23 -1.09
C THR A 36 3.82 -20.66 -2.55
N LEU A 37 4.95 -20.52 -3.21
CA LEU A 37 5.01 -20.93 -4.61
C LEU A 37 4.72 -22.40 -4.79
N LEU A 38 5.20 -23.21 -3.86
CA LEU A 38 4.99 -24.66 -3.95
C LEU A 38 3.50 -24.94 -3.68
N SER A 39 2.97 -24.39 -2.60
CA SER A 39 1.60 -24.67 -2.21
C SER A 39 0.55 -24.22 -3.22
N ARG A 40 0.85 -23.16 -3.96
CA ARG A 40 -0.06 -22.67 -4.96
C ARG A 40 0.34 -23.14 -6.37
N ASP A 41 1.29 -24.08 -6.41
CA ASP A 41 1.66 -24.83 -7.63
C ASP A 41 2.38 -24.07 -8.69
N TYR A 42 2.91 -22.89 -8.37
CA TYR A 42 3.78 -22.25 -9.32
C TYR A 42 5.09 -22.99 -9.49
N LEU A 43 5.52 -23.71 -8.47
CA LEU A 43 6.70 -24.56 -8.56
C LEU A 43 6.37 -25.95 -8.06
N SER A 44 7.12 -26.94 -8.55
CA SER A 44 6.96 -28.35 -8.06
C SER A 44 7.70 -28.73 -6.74
N THR A 45 8.66 -27.90 -6.32
CA THR A 45 9.41 -28.09 -5.05
C THR A 45 9.58 -26.77 -4.34
N ASN A 46 9.93 -26.83 -3.06
CA ASN A 46 10.33 -25.62 -2.30
C ASN A 46 11.85 -25.31 -2.37
N GLU A 47 12.55 -26.03 -3.24
CA GLU A 47 13.97 -25.80 -3.50
C GLU A 47 14.28 -25.59 -5.00
N PRO A 48 13.75 -24.50 -5.61
CA PRO A 48 14.01 -24.11 -7.00
C PRO A 48 15.35 -23.42 -7.20
N SER A 49 15.80 -23.31 -8.46
CA SER A 49 16.91 -22.45 -8.81
C SER A 49 16.54 -20.98 -8.65
N ASP A 50 17.54 -20.11 -8.62
CA ASP A 50 17.26 -18.70 -8.47
C ASP A 50 16.44 -18.14 -9.64
N GLU A 51 16.69 -18.62 -10.87
CA GLU A 51 15.88 -18.12 -11.98
C GLU A 51 14.48 -18.72 -11.93
N GLU A 52 14.33 -19.99 -11.54
CA GLU A 52 13.01 -20.61 -11.43
C GLU A 52 12.19 -19.85 -10.40
N PHE A 53 12.85 -19.54 -9.29
CA PHE A 53 12.21 -18.80 -8.19
C PHE A 53 11.78 -17.41 -8.64
N LYS A 54 12.70 -16.67 -9.25
CA LYS A 54 12.38 -15.33 -9.72
C LYS A 54 11.21 -15.39 -10.71
N ASN A 55 11.27 -16.31 -11.67
CA ASN A 55 10.19 -16.40 -12.69
C ASN A 55 8.86 -16.74 -12.09
N ALA A 56 8.84 -17.63 -11.09
CA ALA A 56 7.59 -17.98 -10.48
C ALA A 56 7.02 -16.83 -9.65
N MET A 57 7.88 -16.13 -8.92
CA MET A 57 7.44 -14.98 -8.18
C MET A 57 6.79 -13.96 -9.10
N SER A 58 7.39 -13.79 -10.26
CA SER A 58 6.80 -12.88 -11.25
C SER A 58 5.40 -13.24 -11.62
N VAL A 59 5.18 -14.53 -11.92
CA VAL A 59 3.86 -14.93 -12.31
C VAL A 59 2.83 -14.71 -11.16
N TYR A 60 3.21 -15.08 -9.96
CA TYR A 60 2.42 -14.93 -8.77
C TYR A 60 2.00 -13.43 -8.55
N ILE A 61 2.99 -12.56 -8.61
CA ILE A 61 2.75 -11.12 -8.48
C ILE A 61 1.82 -10.67 -9.59
N ASN A 62 2.08 -11.10 -10.83
CA ASN A 62 1.26 -10.68 -11.93
C ASN A 62 -0.15 -11.21 -11.77
N ASP A 63 -0.31 -12.42 -11.18
CA ASP A 63 -1.67 -12.90 -10.98
C ASP A 63 -2.40 -11.94 -10.01
N ILE A 64 -1.76 -11.62 -8.90
CA ILE A 64 -2.37 -10.72 -7.93
C ILE A 64 -2.72 -9.38 -8.57
N ALA A 65 -1.80 -8.81 -9.36
CA ALA A 65 -2.03 -7.52 -10.00
C ALA A 65 -3.18 -7.59 -10.98
N GLU A 66 -3.24 -8.70 -11.76
CA GLU A 66 -4.32 -8.85 -12.74
C GLU A 66 -5.65 -9.04 -12.03
N GLY A 67 -5.69 -9.82 -10.93
CA GLY A 67 -6.91 -9.92 -10.18
C GLY A 67 -7.37 -8.53 -9.74
N LEU A 68 -6.44 -7.76 -9.23
CA LEU A 68 -6.76 -6.42 -8.78
C LEU A 68 -7.32 -5.58 -9.89
N SER A 69 -6.60 -5.55 -11.02
CA SER A 69 -7.01 -4.76 -12.16
C SER A 69 -8.44 -5.10 -12.63
N SER A 70 -8.87 -6.35 -12.44
CA SER A 70 -10.14 -6.81 -12.96
C SER A 70 -11.31 -6.39 -12.11
N LEU A 71 -11.02 -5.81 -10.95
CA LEU A 71 -12.06 -5.34 -10.08
C LEU A 71 -12.63 -4.03 -10.59
N PRO A 72 -13.87 -3.75 -10.21
CA PRO A 72 -14.54 -2.56 -10.73
C PRO A 72 -13.92 -1.27 -10.24
N GLU A 73 -13.90 -0.28 -11.14
CA GLU A 73 -13.46 1.08 -10.84
C GLU A 73 -14.55 1.80 -10.08
N THR A 74 -14.13 2.77 -9.29
CA THR A 74 -15.04 3.58 -8.48
C THR A 74 -14.66 5.03 -8.72
N ASP A 75 -15.42 5.92 -8.13
CA ASP A 75 -15.28 7.35 -8.37
C ASP A 75 -14.41 8.11 -7.37
N HIS A 76 -13.69 7.40 -6.51
CA HIS A 76 -12.86 8.05 -5.47
C HIS A 76 -11.83 8.96 -6.06
N ARG A 77 -11.69 10.14 -5.42
CA ARG A 77 -10.71 11.13 -5.87
C ARG A 77 -9.70 11.46 -4.80
N VAL A 78 -9.77 10.77 -3.65
CA VAL A 78 -8.79 10.89 -2.60
C VAL A 78 -8.87 9.63 -1.72
N VAL A 79 -7.73 9.23 -1.21
CA VAL A 79 -7.66 8.12 -0.27
C VAL A 79 -6.60 8.47 0.79
N TYR A 80 -6.52 7.67 1.83
CA TYR A 80 -5.73 8.01 2.98
C TYR A 80 -4.90 6.86 3.43
N ARG A 81 -3.77 7.20 4.05
CA ARG A 81 -2.88 6.22 4.63
C ARG A 81 -2.11 6.81 5.78
N GLY A 82 -2.10 6.13 6.91
CA GLY A 82 -1.21 6.42 8.02
C GLY A 82 0.09 5.63 7.87
N LEU A 83 1.24 6.29 8.01
CA LEU A 83 2.60 5.70 7.96
C LEU A 83 3.42 6.08 9.18
N LYS A 84 4.36 5.22 9.57
CA LYS A 84 5.33 5.56 10.53
C LYS A 84 6.55 5.89 9.74
N LEU A 85 6.88 7.18 9.65
CA LEU A 85 8.10 7.62 8.98
C LEU A 85 9.20 8.11 9.87
N ASP A 86 8.98 8.22 11.17
CA ASP A 86 9.96 8.82 12.05
C ASP A 86 10.94 7.82 12.68
N LYS A 87 11.01 6.62 12.12
CA LYS A 87 12.03 5.62 12.54
C LYS A 87 13.40 6.04 12.01
N PRO A 88 14.44 6.00 12.88
CA PRO A 88 15.81 6.15 12.37
C PRO A 88 16.09 5.49 11.01
N ALA A 89 15.71 4.22 10.84
CA ALA A 89 15.96 3.48 9.59
C ALA A 89 15.26 4.01 8.35
N LEU A 90 14.18 4.76 8.55
CA LEU A 90 13.44 5.32 7.44
C LEU A 90 13.85 6.75 7.20
N SER A 91 14.98 7.21 7.75
CA SER A 91 15.30 8.65 7.66
C SER A 91 15.41 9.14 6.21
N ASP A 92 15.89 8.28 5.31
CA ASP A 92 15.98 8.69 3.91
C ASP A 92 14.62 8.62 3.25
N VAL A 93 13.80 7.65 3.67
CA VAL A 93 12.41 7.62 3.21
C VAL A 93 11.67 8.90 3.65
N LEU A 94 11.80 9.24 4.93
CA LEU A 94 11.22 10.49 5.42
C LEU A 94 11.63 11.69 4.59
N LYS A 95 12.93 11.80 4.28
CA LYS A 95 13.40 12.95 3.54
C LYS A 95 12.76 12.98 2.17
N GLU A 96 12.70 11.83 1.52
CA GLU A 96 12.04 11.71 0.20
C GLU A 96 10.57 12.18 0.21
N TYR A 97 9.83 11.72 1.22
CA TYR A 97 8.40 12.00 1.25
C TYR A 97 8.07 13.41 1.72
N THR A 98 9.07 14.11 2.24
CA THR A 98 8.87 15.49 2.77
C THR A 98 9.65 16.51 1.99
N THR A 99 10.06 16.12 0.80
CA THR A 99 10.65 17.05 -0.17
C THR A 99 9.55 17.53 -1.12
N ILE A 100 9.19 18.80 -0.97
CA ILE A 100 8.13 19.38 -1.78
C ILE A 100 8.47 19.20 -3.25
N GLY A 101 7.50 18.69 -3.99
CA GLY A 101 7.63 18.48 -5.40
C GLY A 101 8.35 17.22 -5.83
N ASN A 102 8.84 16.43 -4.87
CA ASN A 102 9.48 15.14 -5.17
C ASN A 102 8.47 14.21 -5.86
N ILE A 103 8.99 13.35 -6.73
CA ILE A 103 8.18 12.29 -7.32
C ILE A 103 8.76 10.99 -6.85
N ILE A 104 7.90 10.20 -6.21
CA ILE A 104 8.30 8.94 -5.58
C ILE A 104 7.59 7.77 -6.27
N ILE A 105 8.30 6.65 -6.38
CA ILE A 105 7.72 5.42 -6.92
C ILE A 105 7.64 4.45 -5.77
N ASP A 106 6.44 3.99 -5.50
CA ASP A 106 6.21 2.90 -4.54
C ASP A 106 6.34 1.57 -5.26
N LYS A 107 7.39 0.83 -4.92
CA LYS A 107 7.65 -0.44 -5.61
C LYS A 107 6.74 -1.61 -5.26
N ALA A 108 6.07 -1.50 -4.16
CA ALA A 108 5.24 -2.53 -3.61
C ALA A 108 3.77 -2.27 -4.02
N PHE A 109 2.90 -3.23 -3.71
CA PHE A 109 1.47 -2.93 -3.72
C PHE A 109 1.26 -1.84 -2.65
N MET A 110 0.39 -0.92 -2.94
CA MET A 110 0.14 0.23 -2.04
C MET A 110 -1.29 0.18 -1.51
N SER A 111 -1.43 -0.01 -0.19
CA SER A 111 -2.72 -0.10 0.45
C SER A 111 -3.15 1.26 1.02
N THR A 112 -4.39 1.61 0.78
CA THR A 112 -4.96 2.90 1.20
C THR A 112 -6.42 2.66 1.61
N SER A 113 -7.05 3.65 2.27
CA SER A 113 -8.47 3.59 2.57
C SER A 113 -9.21 4.76 1.96
N PRO A 114 -10.41 4.55 1.40
CA PRO A 114 -11.24 5.65 0.91
C PRO A 114 -11.89 6.38 2.02
N ASP A 115 -11.87 5.81 3.24
CA ASP A 115 -12.79 6.24 4.32
C ASP A 115 -12.07 6.89 5.43
N LYS A 116 -10.91 6.39 5.79
CA LYS A 116 -10.21 6.93 6.95
C LYS A 116 -8.73 6.59 6.99
N ALA A 117 -7.95 7.36 7.72
CA ALA A 117 -6.56 6.96 7.99
C ALA A 117 -6.42 6.48 9.42
N TRP A 118 -5.60 5.46 9.59
CA TRP A 118 -5.18 5.03 10.90
C TRP A 118 -4.08 5.93 11.37
N ILE A 119 -4.31 6.50 12.53
CA ILE A 119 -3.37 7.49 13.08
C ILE A 119 -1.97 6.91 13.24
N ASN A 120 -0.98 7.68 12.83
CA ASN A 120 0.40 7.38 12.95
C ASN A 120 1.17 8.70 12.90
N ASP A 121 2.50 8.64 12.92
CA ASP A 121 3.25 9.91 12.88
C ASP A 121 3.01 10.74 11.61
N THR A 122 2.67 10.07 10.53
CA THR A 122 2.42 10.69 9.25
C THR A 122 1.07 10.27 8.72
N ILE A 123 0.25 11.21 8.29
CA ILE A 123 -0.97 10.95 7.59
C ILE A 123 -0.79 11.40 6.17
N LEU A 124 -0.97 10.46 5.25
CA LEU A 124 -0.98 10.79 3.81
C LEU A 124 -2.39 11.03 3.32
N ASN A 125 -2.59 12.17 2.65
CA ASN A 125 -3.81 12.57 2.02
C ASN A 125 -3.50 12.52 0.54
N ILE A 126 -3.99 11.48 -0.11
CA ILE A 126 -3.57 11.09 -1.47
C ILE A 126 -4.64 11.36 -2.49
N TYR A 127 -4.45 12.39 -3.30
CA TYR A 127 -5.40 12.72 -4.34
C TYR A 127 -5.23 11.83 -5.54
N LEU A 128 -6.34 11.51 -6.18
CA LEU A 128 -6.37 10.62 -7.32
C LEU A 128 -7.02 11.28 -8.48
N GLU A 129 -6.49 11.07 -9.67
CA GLU A 129 -7.14 11.52 -10.90
C GLU A 129 -7.85 10.36 -11.57
N LYS A 130 -8.81 10.68 -12.44
CA LYS A 130 -9.67 9.64 -13.04
C LYS A 130 -8.82 8.68 -13.81
N GLY A 131 -9.09 7.40 -13.69
CA GLY A 131 -8.40 6.37 -14.50
C GLY A 131 -7.21 5.74 -13.81
N HIS A 132 -7.03 6.11 -12.53
CA HIS A 132 -5.92 5.57 -11.74
C HIS A 132 -6.10 4.05 -11.55
N LYS A 133 -5.04 3.38 -11.12
CA LYS A 133 -5.01 1.90 -11.05
C LYS A 133 -5.49 1.32 -9.72
N GLY A 134 -5.89 2.17 -8.80
CA GLY A 134 -6.36 1.69 -7.54
C GLY A 134 -7.73 1.07 -7.63
N ARG A 135 -7.98 0.03 -6.85
CA ARG A 135 -9.27 -0.64 -6.87
C ARG A 135 -9.73 -0.98 -5.47
N ILE A 136 -10.99 -0.75 -5.22
CA ILE A 136 -11.60 -1.13 -3.96
C ILE A 136 -11.73 -2.64 -3.92
N LEU A 137 -11.29 -3.22 -2.82
CA LEU A 137 -11.23 -4.68 -2.71
C LEU A 137 -12.58 -5.27 -2.44
N GLY A 138 -13.37 -4.59 -1.62
CA GLY A 138 -14.65 -5.11 -1.21
C GLY A 138 -14.48 -6.49 -0.58
N ASP A 139 -15.27 -7.43 -1.06
CA ASP A 139 -15.31 -8.75 -0.47
C ASP A 139 -14.09 -9.60 -0.82
N VAL A 140 -13.24 -9.12 -1.70
CA VAL A 140 -11.96 -9.78 -1.96
C VAL A 140 -11.06 -9.69 -0.73
N ALA A 141 -11.23 -8.64 0.07
CA ALA A 141 -10.37 -8.47 1.24
C ALA A 141 -10.60 -9.61 2.20
N HIS A 142 -9.55 -10.05 2.88
CA HIS A 142 -9.69 -11.18 3.79
C HIS A 142 -10.56 -10.82 4.96
N PHE A 143 -10.25 -9.71 5.60
CA PHE A 143 -11.05 -9.20 6.69
C PHE A 143 -11.98 -8.14 6.14
N LYS A 144 -13.25 -8.25 6.52
CA LYS A 144 -14.32 -7.46 5.92
C LYS A 144 -14.55 -6.21 6.75
N GLY A 145 -15.23 -5.23 6.16
CA GLY A 145 -15.70 -4.10 6.94
C GLY A 145 -14.66 -3.02 7.20
N GLU A 146 -13.59 -3.04 6.42
CA GLU A 146 -12.63 -1.95 6.41
C GLU A 146 -12.31 -1.74 4.95
N ALA A 147 -12.89 -0.68 4.39
CA ALA A 147 -12.66 -0.34 3.01
C ALA A 147 -11.19 -0.22 2.73
N GLU A 148 -10.79 -0.76 1.59
CA GLU A 148 -9.39 -0.73 1.18
C GLU A 148 -9.35 -0.51 -0.29
N MET A 149 -8.58 0.48 -0.72
CA MET A 149 -8.24 0.66 -2.12
C MET A 149 -6.77 0.26 -2.28
N LEU A 150 -6.52 -0.80 -3.05
CA LEU A 150 -5.20 -1.32 -3.23
C LEU A 150 -4.74 -0.90 -4.63
N PHE A 151 -3.45 -0.53 -4.72
CA PHE A 151 -2.79 -0.17 -5.94
C PHE A 151 -1.72 -1.19 -6.26
N PRO A 152 -1.54 -1.49 -7.54
CA PRO A 152 -0.46 -2.41 -7.91
C PRO A 152 0.88 -1.76 -7.77
N PRO A 153 1.94 -2.56 -7.91
CA PRO A 153 3.31 -2.03 -7.79
C PRO A 153 3.61 -0.88 -8.74
N ASN A 154 4.50 0.02 -8.28
CA ASN A 154 5.07 1.12 -9.04
C ASN A 154 4.13 2.30 -9.17
N THR A 155 3.28 2.52 -8.18
CA THR A 155 2.53 3.80 -8.14
C THR A 155 3.49 4.97 -8.04
N LYS A 156 3.27 5.97 -8.88
CA LYS A 156 4.02 7.21 -8.84
C LYS A 156 3.18 8.28 -8.15
N LEU A 157 3.81 8.94 -7.22
CA LEU A 157 3.17 10.04 -6.52
C LEU A 157 4.03 11.25 -6.38
N LYS A 158 3.34 12.35 -6.44
CA LYS A 158 3.96 13.67 -6.27
C LYS A 158 3.65 14.21 -4.88
N ILE A 159 4.69 14.73 -4.22
CA ILE A 159 4.58 15.36 -2.91
C ILE A 159 4.22 16.79 -3.19
N GLU A 160 2.99 17.16 -2.82
CA GLU A 160 2.52 18.52 -3.11
C GLU A 160 2.72 19.50 -1.93
N SER A 161 2.39 19.09 -0.72
CA SER A 161 2.70 19.90 0.45
C SER A 161 2.81 19.06 1.70
N ILE A 162 3.51 19.62 2.69
CA ILE A 162 3.71 18.98 3.96
C ILE A 162 3.21 19.97 5.00
N VAL A 163 2.39 19.50 5.93
CA VAL A 163 1.81 20.33 6.98
C VAL A 163 2.23 19.72 8.28
N ASN A 164 3.18 20.36 8.99
CA ASN A 164 3.63 19.91 10.28
C ASN A 164 2.66 20.22 11.40
N CYS A 165 2.70 19.38 12.42
CA CYS A 165 1.91 19.58 13.57
C CYS A 165 2.14 20.97 14.21
N GLY A 166 1.12 21.47 14.91
CA GLY A 166 1.26 22.60 15.78
C GLY A 166 0.97 23.95 15.15
N SER A 167 0.04 24.01 14.22
CA SER A 167 -0.49 25.26 13.69
C SER A 167 -1.99 25.12 13.45
N GLN A 168 -2.66 26.24 13.26
CA GLN A 168 -4.06 26.19 12.89
C GLN A 168 -4.24 25.56 11.52
N ASP A 169 -3.35 25.82 10.58
CA ASP A 169 -3.41 25.13 9.30
C ASP A 169 -3.43 23.63 9.46
N PHE A 170 -2.51 23.14 10.26
CA PHE A 170 -2.50 21.69 10.56
C PHE A 170 -3.78 21.25 11.22
N ALA A 171 -4.22 21.99 12.26
CA ALA A 171 -5.39 21.59 13.02
C ALA A 171 -6.61 21.51 12.07
N SER A 172 -6.75 22.48 11.18
CA SER A 172 -7.85 22.55 10.25
C SER A 172 -7.73 21.42 9.25
N GLN A 173 -6.53 21.22 8.67
CA GLN A 173 -6.42 20.12 7.70
C GLN A 173 -6.73 18.81 8.32
N LEU A 174 -6.22 18.60 9.52
CA LEU A 174 -6.46 17.35 10.20
C LEU A 174 -7.92 17.13 10.47
N SER A 175 -8.65 18.21 10.84
CA SER A 175 -10.03 18.11 11.17
C SER A 175 -10.90 17.75 9.97
N LYS A 176 -10.35 17.96 8.78
CA LYS A 176 -11.06 17.68 7.50
C LYS A 176 -10.67 16.32 6.94
N LEU A 177 -9.83 15.59 7.68
CA LEU A 177 -9.59 14.14 7.39
C LEU A 177 -10.48 13.28 8.29
N ARG A 178 -10.89 12.07 7.85
CA ARG A 178 -11.55 11.12 8.78
C ARG A 178 -10.45 10.18 9.27
N LEU A 179 -10.32 10.14 10.57
CA LEU A 179 -9.27 9.36 11.21
C LEU A 179 -9.91 8.16 11.87
N SER A 180 -9.10 7.11 12.03
CA SER A 180 -9.41 5.96 12.88
C SER A 180 -9.76 6.41 14.28
N ASP A 181 -10.76 5.79 14.89
CA ASP A 181 -11.14 6.16 16.26
C ASP A 181 -11.18 4.91 17.10
N ASP A 182 -10.24 4.02 16.84
CA ASP A 182 -10.09 2.76 17.54
C ASP A 182 -9.58 2.97 18.98
N ALA A 183 -9.32 1.84 19.66
CA ALA A 183 -9.00 1.84 21.07
C ALA A 183 -7.77 2.61 21.40
N THR A 184 -6.89 2.77 20.46
CA THR A 184 -5.66 3.43 20.75
C THR A 184 -5.49 4.70 19.94
N ALA A 185 -6.58 5.24 19.39
CA ALA A 185 -6.48 6.49 18.62
C ALA A 185 -5.98 7.63 19.48
N ASP A 186 -4.97 8.36 18.98
CA ASP A 186 -4.48 9.60 19.65
C ASP A 186 -3.88 10.53 18.66
N THR A 187 -4.63 11.56 18.30
CA THR A 187 -4.13 12.49 17.32
C THR A 187 -2.88 13.28 17.77
N ASN A 188 -2.59 13.28 19.06
CA ASN A 188 -1.40 13.99 19.50
C ASN A 188 -0.10 13.33 19.00
N ARG A 189 -0.22 12.07 18.54
CA ARG A 189 0.90 11.33 17.96
C ARG A 189 1.30 11.82 16.57
N ILE A 190 0.45 12.61 15.93
CA ILE A 190 0.66 12.97 14.55
C ILE A 190 1.68 14.08 14.43
N LYS A 191 2.68 13.85 13.59
CA LYS A 191 3.71 14.82 13.35
C LYS A 191 3.50 15.64 12.10
N ARG A 192 2.85 15.05 11.10
CA ARG A 192 2.69 15.71 9.83
C ARG A 192 1.59 15.09 9.01
N ILE A 193 1.04 15.91 8.16
CA ILE A 193 0.23 15.52 7.03
C ILE A 193 1.02 15.77 5.79
N ILE A 194 0.97 14.79 4.86
CA ILE A 194 1.59 14.95 3.58
C ILE A 194 0.48 14.83 2.58
N ASN A 195 0.29 15.89 1.80
CA ASN A 195 -0.66 15.96 0.69
C ASN A 195 0.09 15.52 -0.56
N MET A 196 -0.42 14.48 -1.18
CA MET A 196 0.22 13.80 -2.31
C MET A 196 -0.76 13.65 -3.43
N ARG A 197 -0.25 13.32 -4.63
CA ARG A 197 -1.10 13.07 -5.78
C ARG A 197 -0.55 11.90 -6.57
N VAL A 198 -1.40 10.92 -6.87
CA VAL A 198 -0.97 9.83 -7.77
C VAL A 198 -0.88 10.36 -9.20
N LEU A 199 0.25 10.15 -9.89
CA LEU A 199 0.41 10.47 -11.29
C LEU A 199 0.09 9.27 -12.15
N ASN A 200 -1.01 9.30 -12.88
CA ASN A 200 -1.41 8.20 -13.80
C ASN A 200 -0.55 8.15 -15.04
S SO4 B . -7.16 -20.81 -3.42
O1 SO4 B . -6.71 -20.38 -4.74
O2 SO4 B . -6.64 -19.94 -2.34
O3 SO4 B . -8.64 -20.85 -3.47
O4 SO4 B . -6.69 -22.17 -3.17
S SO4 C . 14.03 -16.61 5.80
O1 SO4 C . 14.54 -15.51 4.91
O2 SO4 C . 14.98 -16.92 6.87
O3 SO4 C . 12.74 -16.13 6.37
O4 SO4 C . 13.78 -17.80 4.99
#